data_6AYC
#
_entry.id   6AYC
#
_cell.length_a   120.300
_cell.length_b   55.190
_cell.length_c   72.390
_cell.angle_alpha   90.000
_cell.angle_beta   100.620
_cell.angle_gamma   90.000
#
_symmetry.space_group_name_H-M   'C 1 2 1'
#
loop_
_entity.id
_entity.type
_entity.pdbx_description
1 polymer 'Protein CYP51'
2 non-polymer 'PROTOPORPHYRIN IX CONTAINING FE'
3 non-polymer 2-[(2R)-butan-2-yl]-4-{4-[4-(4-{[(2R,4S)-2-(2,4-dichlorophenyl)-2-(1H-1,2,4-triazol-1-ylmethyl)-1,3-dioxolan-4-yl]methoxy}phenyl)piperazin-1-yl]phenyl}-2,4-dihydro-3H-1,2,4-triazol-3-one
4 water water
#
_entity_poly.entity_id   1
_entity_poly.type   'polypeptide(L)'
_entity_poly.pdbx_seq_one_letter_code
;MAKKTSSKGKLPPRVPNLIPYVGSFVSFAKNPVQFIIDNSKKYGDVFTATILGKEMTFLNHPKILDTFFKATDNELSLRD
VYRFMRPVFGTGVVYDADSTERMMEQVKFVSSGLTTARFRVFVDIFEDEIAHKVKELGPEGTVDVAELMADLIIFTASRC
LLGDEVRQYLSEKNLGKLYHDIDDGISPLSFFYPSLPAPKRDKARKAVGEIFQELLDKRREEHKKHPERLLDESKMDVVD
HLLTQKYKDGQELTDVHRIGILIAGLFAGQHTSSITSSWTLMNVISNKKVLEKVRKEQEEIMGSDKVLDYDKVMKMDYLE
ACMKEALRMYPPLIMIMRMARKPRECEQYIIPKGNILVVSPSVAGRCTDTYTNPDVFDPERLTERKEHEKFKYGAVPFGA
GRHKCIGENFALLQVKSIISILLRYFDMEYIGKIPDPSYTSLVVGPSPPTRMRYKLRKQQHHHHHH
;
_entity_poly.pdbx_strand_id   A
#
# COMPACT_ATOMS: atom_id res chain seq x y z
N LYS A 10 31.86 16.65 -4.03
CA LYS A 10 30.99 17.77 -4.49
C LYS A 10 29.59 17.23 -4.81
N LEU A 11 28.83 18.00 -5.58
CA LEU A 11 27.47 17.61 -5.94
C LEU A 11 27.49 16.33 -6.78
N PRO A 12 26.43 15.51 -6.71
CA PRO A 12 26.35 14.35 -7.60
C PRO A 12 26.21 14.74 -9.07
N PRO A 13 26.52 13.81 -9.97
CA PRO A 13 26.29 14.09 -11.38
C PRO A 13 24.82 14.36 -11.65
N ARG A 14 24.54 15.15 -12.68
CA ARG A 14 23.18 15.53 -13.03
C ARG A 14 22.74 14.87 -14.32
N VAL A 15 21.45 14.56 -14.40
CA VAL A 15 20.87 14.20 -15.69
C VAL A 15 20.70 15.52 -16.42
N PRO A 16 21.25 15.61 -17.64
CA PRO A 16 21.14 16.83 -18.39
C PRO A 16 19.69 17.18 -18.57
N ASN A 17 19.38 18.46 -18.37
CA ASN A 17 18.05 19.00 -18.58
C ASN A 17 17.75 19.12 -20.05
N LEU A 18 16.55 18.69 -20.43
CA LEU A 18 15.99 18.97 -21.74
C LEU A 18 15.72 20.48 -21.90
N ILE A 19 14.92 21.01 -21.00
CA ILE A 19 14.59 22.41 -20.93
C ILE A 19 15.14 22.86 -19.58
N PRO A 20 15.08 24.21 -19.24
CA PRO A 20 15.25 24.42 -17.82
C PRO A 20 13.89 24.33 -17.15
N TYR A 21 13.88 24.30 -15.82
CA TYR A 21 12.65 24.08 -15.10
C TYR A 21 12.11 22.68 -15.33
N VAL A 22 11.32 22.51 -16.38
CA VAL A 22 10.71 21.22 -16.66
C VAL A 22 11.73 20.09 -16.59
N GLY A 23 12.99 20.47 -16.81
CA GLY A 23 14.08 19.52 -16.69
C GLY A 23 13.81 18.20 -17.39
N SER A 24 13.81 17.11 -16.62
CA SER A 24 13.71 15.79 -17.20
C SER A 24 12.35 15.18 -17.00
N PHE A 25 11.33 16.00 -16.76
CA PHE A 25 10.00 15.46 -16.54
C PHE A 25 9.50 14.50 -17.64
N VAL A 26 9.86 14.75 -18.90
CA VAL A 26 9.30 14.00 -20.03
C VAL A 26 9.68 12.52 -20.04
N SER A 27 10.99 12.25 -20.00
CA SER A 27 11.47 10.86 -19.94
C SER A 27 10.97 10.26 -18.64
N PHE A 28 11.11 11.01 -17.55
CA PHE A 28 10.64 10.56 -16.24
C PHE A 28 9.19 10.09 -16.31
N ALA A 29 8.26 10.91 -16.77
CA ALA A 29 6.83 10.57 -16.71
C ALA A 29 6.39 9.40 -17.60
N LYS A 30 7.13 9.15 -18.69
CA LYS A 30 6.88 7.96 -19.52
C LYS A 30 6.93 6.70 -18.64
N ASN A 31 8.04 6.57 -17.92
CA ASN A 31 8.28 5.44 -17.07
C ASN A 31 9.34 5.84 -16.06
N PRO A 32 8.88 6.31 -14.89
CA PRO A 32 9.78 6.76 -13.82
C PRO A 32 10.79 5.70 -13.41
N VAL A 33 10.38 4.43 -13.46
CA VAL A 33 11.26 3.33 -13.10
C VAL A 33 12.41 3.14 -14.12
N GLN A 34 12.07 3.03 -15.40
CA GLN A 34 13.10 2.92 -16.42
C GLN A 34 13.98 4.16 -16.49
N PHE A 35 13.39 5.34 -16.21
CA PHE A 35 14.13 6.59 -16.07
C PHE A 35 15.23 6.47 -15.05
N ILE A 36 14.92 5.90 -13.90
CA ILE A 36 15.94 5.78 -12.86
C ILE A 36 16.99 4.75 -13.26
N ILE A 37 16.54 3.62 -13.82
CA ILE A 37 17.46 2.56 -14.22
C ILE A 37 18.45 3.07 -15.26
N ASP A 38 17.91 3.67 -16.33
CA ASP A 38 18.74 4.14 -17.44
C ASP A 38 19.77 5.10 -16.92
N ASN A 39 19.33 6.06 -16.13
CA ASN A 39 20.24 7.10 -15.66
C ASN A 39 21.23 6.60 -14.61
N SER A 40 20.86 5.57 -13.85
CA SER A 40 21.82 4.86 -12.98
C SER A 40 23.01 4.35 -13.77
N LYS A 41 22.70 3.72 -14.90
CA LYS A 41 23.73 3.21 -15.78
C LYS A 41 24.63 4.32 -16.29
N LYS A 42 24.03 5.45 -16.69
CA LYS A 42 24.79 6.58 -17.16
C LYS A 42 25.60 7.26 -16.06
N TYR A 43 25.02 7.46 -14.88
CA TYR A 43 25.65 8.36 -13.89
C TYR A 43 25.97 7.73 -12.54
N GLY A 44 25.47 6.51 -12.30
CA GLY A 44 25.89 5.72 -11.14
C GLY A 44 24.89 5.58 -10.02
N ASP A 45 25.42 5.27 -8.84
CA ASP A 45 24.62 5.04 -7.64
C ASP A 45 23.81 6.27 -7.16
N VAL A 46 24.29 7.47 -7.48
CA VAL A 46 23.67 8.71 -7.01
C VAL A 46 23.70 9.74 -8.13
N PHE A 47 22.54 10.26 -8.50
CA PHE A 47 22.46 11.33 -9.50
C PHE A 47 21.27 12.23 -9.25
N THR A 48 21.37 13.45 -9.76
CA THR A 48 20.36 14.45 -9.58
C THR A 48 19.70 14.83 -10.91
N ALA A 49 18.38 14.95 -10.86
CA ALA A 49 17.60 15.39 -12.00
C ALA A 49 16.70 16.54 -11.56
N THR A 50 16.55 17.52 -12.44
CA THR A 50 15.57 18.56 -12.21
C THR A 50 14.29 18.05 -12.82
N ILE A 51 13.21 18.02 -12.04
CA ILE A 51 11.91 17.59 -12.54
C ILE A 51 10.81 18.53 -12.07
N LEU A 52 10.11 19.13 -13.01
CA LEU A 52 9.17 20.23 -12.74
C LEU A 52 9.61 21.10 -11.58
N GLY A 53 10.84 21.59 -11.67
CA GLY A 53 11.38 22.54 -10.70
C GLY A 53 12.02 21.94 -9.46
N LYS A 54 11.84 20.64 -9.24
CA LYS A 54 12.34 19.98 -8.04
C LYS A 54 13.66 19.31 -8.29
N GLU A 55 14.61 19.54 -7.41
CA GLU A 55 15.90 18.91 -7.46
C GLU A 55 15.77 17.57 -6.81
N MET A 56 15.90 16.50 -7.60
CA MET A 56 15.62 15.15 -7.13
C MET A 56 16.83 14.29 -7.28
N THR A 57 17.26 13.71 -6.17
CA THR A 57 18.52 12.99 -6.10
C THR A 57 18.20 11.54 -5.84
N PHE A 58 18.50 10.73 -6.84
CA PHE A 58 18.11 9.36 -6.84
C PHE A 58 19.25 8.52 -6.25
N LEU A 59 18.90 7.74 -5.24
CA LEU A 59 19.81 6.78 -4.61
C LEU A 59 19.49 5.38 -5.15
N ASN A 60 20.39 4.78 -5.91
CA ASN A 60 20.00 3.63 -6.72
C ASN A 60 20.65 2.30 -6.41
N HIS A 61 21.38 2.20 -5.31
CA HIS A 61 21.95 0.91 -4.95
C HIS A 61 21.73 0.60 -3.48
N PRO A 62 21.24 -0.63 -3.18
CA PRO A 62 20.98 -1.12 -1.84
C PRO A 62 22.06 -0.71 -0.82
N LYS A 63 23.32 -0.87 -1.23
CA LYS A 63 24.48 -0.54 -0.41
C LYS A 63 24.47 0.84 0.28
N ILE A 64 23.92 1.85 -0.38
CA ILE A 64 24.03 3.24 0.13
C ILE A 64 22.80 3.76 0.89
N LEU A 65 21.82 2.89 1.13
CA LEU A 65 20.53 3.34 1.64
C LEU A 65 20.47 3.47 3.16
N ASP A 66 21.54 3.14 3.87
CA ASP A 66 21.49 3.17 5.33
C ASP A 66 21.27 4.57 5.88
N THR A 67 22.03 5.53 5.35
CA THR A 67 21.92 6.92 5.78
C THR A 67 20.56 7.54 5.44
N PHE A 68 19.88 7.02 4.43
CA PHE A 68 18.54 7.50 4.08
C PHE A 68 17.51 7.03 5.13
N PHE A 69 17.52 5.74 5.39
CA PHE A 69 16.50 5.11 6.19
C PHE A 69 16.69 5.37 7.70
N LYS A 70 17.90 5.73 8.10
CA LYS A 70 18.18 5.95 9.53
C LYS A 70 18.19 7.41 9.93
N ALA A 71 18.21 8.32 8.97
CA ALA A 71 18.18 9.73 9.33
C ALA A 71 16.94 10.12 10.15
N THR A 72 17.07 11.14 10.99
CA THR A 72 15.93 11.63 11.78
C THR A 72 15.08 12.51 10.90
N ASP A 73 13.82 12.71 11.29
CA ASP A 73 12.92 13.59 10.51
C ASP A 73 13.33 15.07 10.39
N ASN A 74 14.10 15.58 11.32
CA ASN A 74 14.63 16.93 11.18
C ASN A 74 15.82 17.01 10.21
N GLU A 75 16.43 15.86 9.85
CA GLU A 75 17.42 15.78 8.76
C GLU A 75 16.77 15.47 7.37
N LEU A 76 15.97 14.40 7.31
CA LEU A 76 15.20 13.96 6.11
C LEU A 76 13.70 13.91 6.39
N SER A 77 12.99 14.89 5.85
CA SER A 77 11.60 15.12 6.18
C SER A 77 10.66 14.44 5.21
N LEU A 78 9.73 13.69 5.78
CA LEU A 78 8.63 13.05 5.04
C LEU A 78 7.52 14.05 4.93
N ARG A 79 7.33 14.84 5.96
CA ARG A 79 6.24 15.82 5.97
C ARG A 79 6.38 16.84 4.84
N ASP A 80 7.59 17.22 4.49
CA ASP A 80 7.81 18.17 3.41
C ASP A 80 7.41 17.60 2.04
N VAL A 81 7.46 16.27 1.87
CA VAL A 81 7.24 15.64 0.55
C VAL A 81 5.91 14.96 0.34
N TYR A 82 5.24 14.61 1.42
CA TYR A 82 3.95 13.95 1.35
C TYR A 82 2.81 14.84 1.81
N ARG A 83 3.15 16.08 2.14
CA ARG A 83 2.18 17.03 2.61
C ARG A 83 1.08 17.25 1.57
N PHE A 84 1.47 17.21 0.30
CA PHE A 84 0.49 17.30 -0.78
C PHE A 84 -0.79 16.47 -0.59
N MET A 85 -0.77 15.44 0.28
CA MET A 85 -1.89 14.54 0.52
C MET A 85 -3.01 15.20 1.31
N ARG A 86 -2.68 16.39 1.81
CA ARG A 86 -3.52 17.13 2.72
C ARG A 86 -4.99 17.24 2.32
N PRO A 87 -5.29 17.48 1.03
CA PRO A 87 -6.72 17.58 0.66
C PRO A 87 -7.51 16.25 0.74
N VAL A 88 -6.79 15.13 0.69
CA VAL A 88 -7.41 13.83 0.84
C VAL A 88 -7.52 13.51 2.33
N PHE A 89 -6.40 13.48 3.04
CA PHE A 89 -6.42 13.07 4.44
C PHE A 89 -7.10 14.10 5.36
N GLY A 90 -6.76 15.37 5.19
CA GLY A 90 -7.26 16.42 6.07
C GLY A 90 -6.13 17.31 6.57
N THR A 91 -6.46 18.53 6.95
CA THR A 91 -5.53 19.45 7.60
C THR A 91 -5.16 18.85 8.95
N GLY A 92 -3.86 18.85 9.27
CA GLY A 92 -3.37 18.46 10.59
C GLY A 92 -3.20 16.98 10.81
N VAL A 93 -3.23 16.21 9.73
CA VAL A 93 -3.28 14.75 9.80
C VAL A 93 -2.08 14.10 9.08
N VAL A 94 -1.46 13.15 9.75
CA VAL A 94 -0.31 12.39 9.22
C VAL A 94 0.76 13.37 8.74
N TYR A 95 1.04 13.43 7.43
CA TYR A 95 2.15 14.24 6.95
C TYR A 95 1.83 15.74 6.99
N ASP A 96 0.59 16.09 7.31
CA ASP A 96 0.27 17.48 7.63
C ASP A 96 0.12 17.69 9.14
N ALA A 97 0.49 16.71 9.96
CA ALA A 97 0.53 16.90 11.39
C ALA A 97 1.48 18.02 11.79
N ASP A 98 1.20 18.64 12.93
CA ASP A 98 1.96 19.81 13.43
C ASP A 98 3.42 19.50 13.72
N SER A 99 3.71 18.25 14.03
CA SER A 99 5.08 17.83 14.28
C SER A 99 5.29 16.39 13.86
N THR A 100 6.55 16.02 13.68
CA THR A 100 6.91 14.63 13.51
C THR A 100 6.25 13.78 14.61
N GLU A 101 6.30 14.29 15.83
CA GLU A 101 5.80 13.57 16.99
C GLU A 101 4.30 13.29 16.90
N ARG A 102 3.53 14.26 16.44
CA ARG A 102 2.08 14.09 16.36
C ARG A 102 1.78 13.09 15.27
N MET A 103 2.49 13.15 14.16
CA MET A 103 2.29 12.21 13.07
C MET A 103 2.49 10.76 13.53
N MET A 104 3.60 10.51 14.23
CA MET A 104 3.90 9.18 14.76
C MET A 104 2.80 8.74 15.71
N GLU A 105 2.28 9.65 16.52
CA GLU A 105 1.19 9.26 17.42
C GLU A 105 -0.06 8.86 16.67
N GLN A 106 -0.36 9.58 15.60
CA GLN A 106 -1.55 9.31 14.82
C GLN A 106 -1.40 7.95 14.12
N VAL A 107 -0.24 7.70 13.55
CA VAL A 107 0.09 6.42 12.90
C VAL A 107 -0.15 5.26 13.86
N LYS A 108 0.29 5.44 15.10
CA LYS A 108 0.07 4.43 16.11
C LYS A 108 -1.39 4.17 16.40
N PHE A 109 -2.28 5.15 16.30
CA PHE A 109 -3.69 4.85 16.55
C PHE A 109 -4.22 3.83 15.56
N VAL A 110 -3.78 3.94 14.31
CA VAL A 110 -4.13 2.96 13.29
C VAL A 110 -3.49 1.62 13.60
N SER A 111 -2.18 1.60 13.85
CA SER A 111 -1.51 0.35 14.07
C SER A 111 -2.15 -0.39 15.24
N SER A 112 -2.79 0.36 16.14
CA SER A 112 -3.38 -0.22 17.36
C SER A 112 -4.65 -1.05 17.10
N GLY A 113 -5.28 -0.86 15.94
CA GLY A 113 -6.39 -1.72 15.51
C GLY A 113 -6.02 -2.92 14.67
N LEU A 114 -4.71 -3.17 14.52
CA LEU A 114 -4.13 -4.25 13.74
C LEU A 114 -3.40 -5.20 14.65
N THR A 115 -4.11 -5.66 15.68
CA THR A 115 -3.56 -6.58 16.67
C THR A 115 -3.86 -8.01 16.25
N THR A 116 -3.14 -8.96 16.85
CA THR A 116 -3.36 -10.36 16.60
C THR A 116 -4.82 -10.75 16.90
N ALA A 117 -5.38 -10.22 17.97
CA ALA A 117 -6.79 -10.49 18.29
C ALA A 117 -7.73 -10.06 17.18
N ARG A 118 -7.46 -8.89 16.61
CA ARG A 118 -8.29 -8.40 15.54
C ARG A 118 -8.05 -9.21 14.26
N PHE A 119 -6.80 -9.62 14.02
CA PHE A 119 -6.47 -10.44 12.85
C PHE A 119 -7.32 -11.73 12.77
N ARG A 120 -7.53 -12.39 13.89
CA ARG A 120 -8.41 -13.57 13.94
C ARG A 120 -9.81 -13.24 13.44
N VAL A 121 -10.33 -12.05 13.79
CA VAL A 121 -11.66 -11.60 13.34
C VAL A 121 -11.59 -11.22 11.87
N PHE A 122 -10.46 -10.66 11.45
CA PHE A 122 -10.34 -10.20 10.06
C PHE A 122 -10.51 -11.36 9.10
N VAL A 123 -10.00 -12.54 9.45
CA VAL A 123 -10.09 -13.70 8.56
C VAL A 123 -11.55 -14.06 8.33
N ASP A 124 -12.36 -13.96 9.37
CA ASP A 124 -13.81 -14.20 9.24
C ASP A 124 -14.48 -13.17 8.35
N ILE A 125 -14.05 -11.91 8.48
CA ILE A 125 -14.56 -10.87 7.58
C ILE A 125 -14.28 -11.18 6.10
N PHE A 126 -13.06 -11.60 5.80
CA PHE A 126 -12.67 -11.96 4.45
C PHE A 126 -13.54 -13.12 3.93
N GLU A 127 -13.75 -14.13 4.76
CA GLU A 127 -14.61 -15.23 4.38
C GLU A 127 -16.00 -14.69 4.06
N ASP A 128 -16.51 -13.80 4.90
CA ASP A 128 -17.86 -13.30 4.77
C ASP A 128 -18.09 -12.48 3.49
N GLU A 129 -17.16 -11.57 3.22
CA GLU A 129 -17.26 -10.74 2.03
C GLU A 129 -17.10 -11.54 0.76
N ILE A 130 -16.15 -12.47 0.70
CA ILE A 130 -16.00 -13.30 -0.49
C ILE A 130 -17.26 -14.17 -0.72
N ALA A 131 -17.91 -14.62 0.35
CA ALA A 131 -19.13 -15.41 0.18
C ALA A 131 -20.24 -14.59 -0.45
N HIS A 132 -20.38 -13.35 0.00
CA HIS A 132 -21.28 -12.40 -0.67
C HIS A 132 -20.89 -12.21 -2.14
N LYS A 133 -19.59 -12.10 -2.41
CA LYS A 133 -19.12 -11.82 -3.76
C LYS A 133 -19.35 -12.94 -4.74
N VAL A 134 -19.19 -14.18 -4.29
CA VAL A 134 -19.44 -15.31 -5.20
C VAL A 134 -20.89 -15.39 -5.66
N LYS A 135 -21.82 -14.78 -4.94
CA LYS A 135 -23.22 -14.72 -5.41
C LYS A 135 -23.29 -13.90 -6.71
N GLU A 136 -22.57 -12.79 -6.75
CA GLU A 136 -22.46 -11.96 -7.96
C GLU A 136 -21.80 -12.72 -9.10
N LEU A 137 -20.74 -13.46 -8.78
CA LEU A 137 -19.93 -14.02 -9.83
C LEU A 137 -20.60 -15.22 -10.51
N GLY A 138 -21.43 -15.94 -9.76
CA GLY A 138 -22.05 -17.16 -10.29
C GLY A 138 -21.07 -18.31 -10.51
N PRO A 139 -21.56 -19.47 -11.05
CA PRO A 139 -20.76 -20.70 -11.16
C PRO A 139 -19.55 -20.57 -12.09
N GLU A 140 -19.62 -19.72 -13.10
CA GLU A 140 -18.47 -19.50 -13.99
C GLU A 140 -18.63 -18.19 -14.74
N GLY A 141 -17.52 -17.72 -15.30
CA GLY A 141 -17.54 -16.43 -15.98
C GLY A 141 -16.16 -15.85 -16.25
N THR A 142 -16.16 -14.56 -16.52
CA THR A 142 -14.91 -13.82 -16.56
C THR A 142 -15.08 -12.57 -15.69
N VAL A 143 -13.98 -12.07 -15.18
CA VAL A 143 -14.03 -10.92 -14.28
C VAL A 143 -12.69 -10.25 -14.38
N ASP A 144 -12.74 -8.94 -14.17
CA ASP A 144 -11.55 -8.15 -14.15
C ASP A 144 -10.85 -8.34 -12.82
N VAL A 145 -9.58 -8.74 -12.82
CA VAL A 145 -8.91 -9.09 -11.56
C VAL A 145 -8.73 -7.87 -10.70
N ALA A 146 -8.25 -6.77 -11.29
CA ALA A 146 -7.97 -5.56 -10.52
C ALA A 146 -9.23 -4.99 -9.88
N GLU A 147 -10.34 -4.98 -10.61
CA GLU A 147 -11.61 -4.54 -10.03
C GLU A 147 -12.11 -5.43 -8.93
N LEU A 148 -11.98 -6.75 -9.13
CA LEU A 148 -12.47 -7.71 -8.16
C LEU A 148 -11.75 -7.50 -6.84
N MET A 149 -10.43 -7.36 -6.88
CA MET A 149 -9.65 -7.20 -5.65
C MET A 149 -9.99 -5.87 -4.95
N ALA A 150 -10.09 -4.79 -5.73
CA ALA A 150 -10.40 -3.49 -5.19
C ALA A 150 -11.76 -3.53 -4.56
N ASP A 151 -12.70 -4.22 -5.19
CA ASP A 151 -14.09 -4.28 -4.69
C ASP A 151 -14.18 -5.08 -3.40
N LEU A 152 -13.49 -6.21 -3.37
CA LEU A 152 -13.35 -6.97 -2.14
C LEU A 152 -12.73 -6.15 -1.03
N ILE A 153 -11.60 -5.49 -1.30
CA ILE A 153 -10.86 -4.74 -0.29
C ILE A 153 -11.55 -3.44 0.15
N ILE A 154 -12.35 -2.82 -0.70
CA ILE A 154 -13.23 -1.78 -0.21
C ILE A 154 -14.05 -2.29 0.98
N PHE A 155 -14.66 -3.47 0.84
CA PHE A 155 -15.53 -3.95 1.91
C PHE A 155 -14.70 -4.51 3.06
N THR A 156 -13.62 -5.23 2.77
CA THR A 156 -12.89 -5.91 3.85
C THR A 156 -12.10 -4.92 4.71
N ALA A 157 -11.34 -4.04 4.09
CA ALA A 157 -10.54 -3.03 4.83
C ALA A 157 -11.44 -2.11 5.63
N SER A 158 -12.57 -1.73 5.06
CA SER A 158 -13.51 -0.84 5.76
C SER A 158 -14.01 -1.50 7.06
N ARG A 159 -14.44 -2.75 6.97
CA ARG A 159 -14.97 -3.48 8.11
C ARG A 159 -13.88 -3.76 9.12
N CYS A 160 -12.69 -4.13 8.62
CA CYS A 160 -11.52 -4.41 9.46
C CYS A 160 -11.13 -3.22 10.31
N LEU A 161 -11.10 -2.04 9.71
CA LEU A 161 -10.56 -0.86 10.38
C LEU A 161 -11.64 -0.09 11.11
N LEU A 162 -12.85 -0.04 10.54
CA LEU A 162 -13.88 0.80 11.08
C LEU A 162 -14.95 0.07 11.84
N GLY A 163 -14.96 -1.27 11.74
CA GLY A 163 -16.03 -2.07 12.34
C GLY A 163 -17.15 -2.39 11.38
N ASP A 164 -18.02 -3.33 11.76
CA ASP A 164 -19.05 -3.87 10.87
C ASP A 164 -20.17 -2.87 10.61
N GLU A 165 -20.30 -1.92 11.52
CA GLU A 165 -21.26 -0.82 11.41
C GLU A 165 -21.13 -0.03 10.08
N VAL A 166 -19.92 -0.03 9.51
CA VAL A 166 -19.70 0.65 8.23
C VAL A 166 -20.41 -0.01 7.05
N ARG A 167 -20.75 -1.28 7.16
CA ARG A 167 -21.18 -2.03 5.97
C ARG A 167 -22.50 -1.51 5.39
N GLN A 168 -23.40 -1.04 6.25
CA GLN A 168 -24.71 -0.54 5.76
C GLN A 168 -24.51 0.71 4.89
N TYR A 169 -23.45 1.47 5.17
CA TYR A 169 -23.10 2.62 4.31
C TYR A 169 -22.57 2.16 2.98
N LEU A 170 -21.80 1.09 2.98
CA LEU A 170 -21.29 0.55 1.74
C LEU A 170 -22.45 0.04 0.91
N SER A 171 -23.38 -0.63 1.56
CA SER A 171 -24.44 -1.31 0.82
C SER A 171 -25.60 -0.37 0.48
N GLU A 172 -25.82 0.67 1.28
CA GLU A 172 -27.02 1.53 1.14
C GLU A 172 -26.77 3.02 0.87
N LYS A 173 -25.55 3.52 1.10
CA LYS A 173 -25.25 4.95 0.93
C LYS A 173 -24.06 5.19 -0.01
N ASN A 174 -23.78 4.18 -0.83
CA ASN A 174 -22.87 4.34 -1.96
C ASN A 174 -21.42 4.70 -1.55
N LEU A 175 -21.01 4.36 -0.34
CA LEU A 175 -19.71 4.79 0.15
C LEU A 175 -18.56 4.37 -0.76
N GLY A 176 -18.69 3.20 -1.37
CA GLY A 176 -17.66 2.70 -2.28
C GLY A 176 -17.43 3.60 -3.47
N LYS A 177 -18.51 4.11 -4.04
CA LYS A 177 -18.41 5.07 -5.14
C LYS A 177 -17.67 6.36 -4.69
N LEU A 178 -17.96 6.82 -3.48
CA LEU A 178 -17.33 8.01 -2.94
C LEU A 178 -15.85 7.80 -2.78
N TYR A 179 -15.44 6.63 -2.27
CA TYR A 179 -14.00 6.29 -2.22
C TYR A 179 -13.32 6.47 -3.58
N HIS A 180 -13.96 5.97 -4.63
CA HIS A 180 -13.41 6.05 -5.99
C HIS A 180 -13.31 7.49 -6.41
N ASP A 181 -14.35 8.27 -6.15
CA ASP A 181 -14.36 9.72 -6.45
C ASP A 181 -13.21 10.42 -5.78
N ILE A 182 -12.99 10.14 -4.51
CA ILE A 182 -11.83 10.69 -3.84
C ILE A 182 -10.56 10.17 -4.50
N ASP A 183 -10.49 8.86 -4.74
CA ASP A 183 -9.20 8.25 -5.05
C ASP A 183 -8.76 8.37 -6.52
N ASP A 184 -9.72 8.42 -7.46
CA ASP A 184 -9.39 8.82 -8.83
C ASP A 184 -9.17 10.32 -8.94
N GLY A 185 -9.54 11.09 -7.92
CA GLY A 185 -9.24 12.54 -7.90
C GLY A 185 -7.82 12.89 -7.50
N ILE A 186 -6.96 11.89 -7.30
CA ILE A 186 -5.60 12.12 -6.84
C ILE A 186 -4.67 11.78 -7.97
N SER A 187 -3.97 12.78 -8.45
CA SER A 187 -3.06 12.59 -9.55
C SER A 187 -1.66 12.49 -9.00
N PRO A 188 -0.81 11.68 -9.62
CA PRO A 188 0.60 11.72 -9.17
C PRO A 188 1.26 13.11 -9.38
N LEU A 189 0.70 13.87 -10.31
CA LEU A 189 1.17 15.22 -10.56
C LEU A 189 1.01 16.14 -9.37
N SER A 190 0.07 15.81 -8.49
CA SER A 190 -0.19 16.58 -7.29
C SER A 190 1.02 16.69 -6.41
N PHE A 191 1.95 15.77 -6.64
CA PHE A 191 3.18 15.74 -5.92
C PHE A 191 3.95 17.00 -6.24
N PHE A 192 3.75 17.50 -7.44
CA PHE A 192 4.47 18.67 -7.86
C PHE A 192 3.60 19.88 -7.75
N TYR A 193 2.34 19.74 -8.10
CA TYR A 193 1.44 20.88 -8.03
C TYR A 193 0.36 20.58 -7.04
N PRO A 194 0.72 20.67 -5.72
CA PRO A 194 -0.33 20.28 -4.80
C PRO A 194 -1.63 21.03 -4.97
N SER A 195 -1.53 22.29 -5.39
CA SER A 195 -2.72 23.11 -5.49
C SER A 195 -3.66 22.80 -6.66
N LEU A 196 -3.37 21.77 -7.47
CA LEU A 196 -4.24 21.43 -8.60
C LEU A 196 -5.68 21.31 -8.14
N PRO A 197 -6.60 22.10 -8.72
CA PRO A 197 -7.99 21.93 -8.28
C PRO A 197 -8.52 20.54 -8.64
N ALA A 198 -9.41 20.03 -7.80
CA ALA A 198 -9.96 18.70 -7.96
C ALA A 198 -11.31 18.72 -7.30
N PRO A 199 -12.25 19.46 -7.87
CA PRO A 199 -13.49 19.70 -7.13
C PRO A 199 -14.36 18.48 -6.87
N LYS A 200 -14.37 17.50 -7.77
CA LYS A 200 -15.10 16.25 -7.55
C LYS A 200 -14.55 15.50 -6.34
N ARG A 201 -13.22 15.41 -6.28
CA ARG A 201 -12.54 14.81 -5.13
C ARG A 201 -12.98 15.51 -3.85
N ASP A 202 -12.93 16.83 -3.84
CA ASP A 202 -13.26 17.60 -2.65
C ASP A 202 -14.71 17.43 -2.22
N LYS A 203 -15.64 17.34 -3.16
CA LYS A 203 -17.04 17.04 -2.85
C LYS A 203 -17.19 15.67 -2.20
N ALA A 204 -16.58 14.66 -2.80
CA ALA A 204 -16.62 13.32 -2.27
C ALA A 204 -15.99 13.23 -0.87
N ARG A 205 -14.84 13.87 -0.70
CA ARG A 205 -14.13 13.87 0.59
C ARG A 205 -15.02 14.45 1.68
N LYS A 206 -15.73 15.52 1.35
CA LYS A 206 -16.69 16.10 2.27
C LYS A 206 -17.83 15.15 2.57
N ALA A 207 -18.30 14.41 1.57
CA ALA A 207 -19.38 13.42 1.80
C ALA A 207 -18.92 12.31 2.73
N VAL A 208 -17.69 11.85 2.56
CA VAL A 208 -17.20 10.71 3.34
C VAL A 208 -16.98 11.25 4.74
N GLY A 209 -16.44 12.46 4.81
CA GLY A 209 -16.35 13.19 6.07
C GLY A 209 -17.63 13.17 6.85
N GLU A 210 -18.75 13.49 6.19
CA GLU A 210 -20.05 13.55 6.90
C GLU A 210 -20.46 12.16 7.37
N ILE A 211 -20.25 11.14 6.52
CA ILE A 211 -20.59 9.77 6.87
C ILE A 211 -19.76 9.28 8.05
N PHE A 212 -18.45 9.53 8.01
CA PHE A 212 -17.56 9.14 9.11
C PHE A 212 -17.83 9.91 10.38
N GLN A 213 -18.31 11.15 10.27
CA GLN A 213 -18.80 11.87 11.44
C GLN A 213 -19.97 11.11 12.07
N GLU A 214 -20.91 10.67 11.22
CA GLU A 214 -22.07 9.91 11.69
C GLU A 214 -21.65 8.58 12.32
N LEU A 215 -20.63 7.96 11.75
CA LEU A 215 -20.12 6.70 12.29
C LEU A 215 -19.51 6.88 13.69
N LEU A 216 -18.79 7.98 13.87
CA LEU A 216 -18.25 8.34 15.18
C LEU A 216 -19.38 8.58 16.18
N ASP A 217 -20.33 9.43 15.80
CA ASP A 217 -21.49 9.78 16.66
C ASP A 217 -22.26 8.53 17.05
N LYS A 218 -22.55 7.66 16.10
CA LYS A 218 -23.20 6.38 16.41
C LYS A 218 -22.34 5.54 17.37
N ARG A 219 -21.03 5.47 17.16
CA ARG A 219 -20.20 4.65 18.06
C ARG A 219 -20.18 5.18 19.49
N ARG A 220 -20.23 6.49 19.63
CA ARG A 220 -20.22 7.13 20.94
C ARG A 220 -21.32 6.59 21.82
N GLU A 221 -22.55 6.65 21.33
CA GLU A 221 -23.72 6.20 22.11
C GLU A 221 -23.76 4.67 22.23
N GLU A 222 -23.21 3.94 21.26
CA GLU A 222 -22.98 2.48 21.40
C GLU A 222 -22.01 2.14 22.56
N HIS A 223 -21.02 3.00 22.75
CA HIS A 223 -20.10 2.94 23.88
C HIS A 223 -20.80 3.33 25.17
N LYS A 224 -22.08 3.67 25.07
CA LYS A 224 -22.85 3.93 26.25
C LYS A 224 -23.64 2.68 26.58
N LYS A 225 -24.28 2.14 25.56
CA LYS A 225 -25.11 0.95 25.76
C LYS A 225 -24.31 -0.34 25.84
N HIS A 226 -23.01 -0.31 25.60
CA HIS A 226 -22.23 -1.56 25.64
C HIS A 226 -20.79 -1.31 25.99
N PRO A 227 -20.53 -0.53 27.10
CA PRO A 227 -19.11 -0.33 27.38
C PRO A 227 -18.27 -1.60 27.43
N GLU A 228 -18.89 -2.77 27.53
CA GLU A 228 -18.10 -4.00 27.49
C GLU A 228 -17.24 -4.09 26.24
N ARG A 229 -17.71 -3.46 25.14
CA ARG A 229 -16.95 -3.43 23.89
C ARG A 229 -15.53 -2.97 24.16
N LEU A 230 -15.40 -1.94 25.00
CA LEU A 230 -14.09 -1.32 25.28
C LEU A 230 -13.16 -2.27 26.02
N LEU A 231 -13.71 -3.37 26.52
CA LEU A 231 -12.90 -4.33 27.26
C LEU A 231 -12.57 -5.59 26.45
N ASP A 232 -13.04 -5.66 25.20
CA ASP A 232 -12.90 -6.85 24.38
C ASP A 232 -11.97 -6.53 23.20
N GLU A 233 -10.73 -7.03 23.26
CA GLU A 233 -9.69 -6.72 22.26
C GLU A 233 -10.01 -7.23 20.86
N SER A 234 -10.90 -8.21 20.76
CA SER A 234 -11.29 -8.75 19.47
C SER A 234 -12.37 -7.89 18.79
N LYS A 235 -13.01 -6.99 19.54
CA LYS A 235 -14.08 -6.12 18.99
C LYS A 235 -13.63 -4.66 18.87
N MET A 236 -12.47 -4.33 19.44
CA MET A 236 -11.97 -2.96 19.41
C MET A 236 -11.33 -2.63 18.08
N ASP A 237 -11.91 -1.70 17.33
CA ASP A 237 -11.34 -1.29 16.06
C ASP A 237 -10.71 0.14 16.09
N VAL A 238 -10.32 0.66 14.92
CA VAL A 238 -9.60 1.93 14.92
C VAL A 238 -10.51 3.07 15.37
N VAL A 239 -11.80 2.99 15.06
CA VAL A 239 -12.76 3.99 15.51
C VAL A 239 -12.78 3.99 17.05
N ASP A 240 -12.82 2.80 17.64
CA ASP A 240 -12.86 2.70 19.09
C ASP A 240 -11.60 3.27 19.74
N HIS A 241 -10.43 2.99 19.15
CA HIS A 241 -9.16 3.51 19.69
C HIS A 241 -9.10 5.03 19.58
N LEU A 242 -9.51 5.56 18.45
CA LEU A 242 -9.59 7.00 18.29
C LEU A 242 -10.56 7.68 19.24
N LEU A 243 -11.65 7.01 19.59
CA LEU A 243 -12.64 7.59 20.53
C LEU A 243 -12.19 7.58 22.01
N THR A 244 -11.16 6.81 22.32
CA THR A 244 -10.78 6.56 23.70
C THR A 244 -9.32 6.86 24.01
N GLN A 245 -8.58 7.38 23.03
CA GLN A 245 -7.21 7.78 23.27
C GLN A 245 -7.08 9.28 23.21
N LYS A 246 -5.95 9.75 23.74
CA LYS A 246 -5.55 11.15 23.75
C LYS A 246 -4.12 11.14 23.24
N TYR A 247 -3.57 12.29 22.92
CA TYR A 247 -2.15 12.34 22.60
C TYR A 247 -1.41 12.08 23.90
N LYS A 248 -0.09 11.83 23.84
CA LYS A 248 0.70 11.56 25.05
C LYS A 248 0.68 12.74 26.02
N ASP A 249 0.79 13.96 25.50
CA ASP A 249 0.77 15.16 26.35
C ASP A 249 -0.59 15.51 26.93
N GLY A 250 -1.61 14.68 26.68
CA GLY A 250 -2.94 14.86 27.27
C GLY A 250 -3.97 15.55 26.39
N GLN A 251 -3.52 16.19 25.29
CA GLN A 251 -4.42 16.93 24.40
C GLN A 251 -5.38 15.97 23.70
N GLU A 252 -6.67 16.28 23.73
CA GLU A 252 -7.71 15.47 23.12
C GLU A 252 -7.63 15.56 21.61
N LEU A 253 -8.14 14.55 20.93
CA LEU A 253 -8.25 14.57 19.47
C LEU A 253 -9.52 15.29 19.11
N THR A 254 -9.51 15.95 17.96
CA THR A 254 -10.71 16.51 17.35
C THR A 254 -11.31 15.45 16.42
N ASP A 255 -12.62 15.50 16.25
CA ASP A 255 -13.31 14.60 15.34
C ASP A 255 -12.85 14.75 13.89
N VAL A 256 -12.44 15.96 13.55
CA VAL A 256 -11.82 16.25 12.28
C VAL A 256 -10.51 15.49 12.11
N HIS A 257 -9.70 15.48 13.15
CA HIS A 257 -8.48 14.68 13.18
C HIS A 257 -8.84 13.20 13.05
N ARG A 258 -9.88 12.76 13.75
CA ARG A 258 -10.25 11.32 13.74
C ARG A 258 -10.68 10.87 12.37
N ILE A 259 -11.49 11.70 11.72
CA ILE A 259 -11.99 11.41 10.40
C ILE A 259 -10.83 11.35 9.42
N GLY A 260 -9.89 12.27 9.53
CA GLY A 260 -8.76 12.31 8.61
C GLY A 260 -7.81 11.12 8.76
N ILE A 261 -7.58 10.72 9.99
CA ILE A 261 -6.81 9.52 10.28
C ILE A 261 -7.47 8.24 9.71
N LEU A 262 -8.77 8.10 9.89
CA LEU A 262 -9.46 6.97 9.34
C LEU A 262 -9.33 6.90 7.81
N ILE A 263 -9.47 8.05 7.16
CA ILE A 263 -9.44 8.13 5.72
C ILE A 263 -8.06 7.80 5.26
N ALA A 264 -7.05 8.33 5.94
CA ALA A 264 -5.65 8.05 5.62
C ALA A 264 -5.33 6.59 5.73
N GLY A 265 -5.78 6.00 6.84
CA GLY A 265 -5.65 4.55 7.08
C GLY A 265 -6.33 3.68 6.03
N LEU A 266 -7.56 4.02 5.64
CA LEU A 266 -8.27 3.28 4.59
C LEU A 266 -7.63 3.42 3.22
N PHE A 267 -7.10 4.59 2.96
CA PHE A 267 -6.32 4.83 1.77
C PHE A 267 -5.15 3.88 1.71
N ALA A 268 -4.33 3.95 2.72
CA ALA A 268 -3.13 3.16 2.73
C ALA A 268 -3.58 1.71 2.64
N GLY A 269 -4.70 1.43 3.27
CA GLY A 269 -5.12 0.07 3.47
C GLY A 269 -5.74 -0.61 2.30
N GLN A 270 -5.91 0.12 1.21
CA GLN A 270 -6.74 -0.38 0.15
C GLN A 270 -6.00 -0.59 -1.15
N HIS A 271 -5.34 0.45 -1.62
CA HIS A 271 -4.73 0.39 -2.92
C HIS A 271 -3.60 -0.60 -2.89
N THR A 272 -2.56 -0.28 -2.13
CA THR A 272 -1.37 -1.09 -2.20
C THR A 272 -1.74 -2.60 -2.10
N SER A 273 -2.73 -2.92 -1.27
CA SER A 273 -3.15 -4.31 -1.12
C SER A 273 -3.90 -4.87 -2.33
N SER A 274 -4.87 -4.14 -2.87
CA SER A 274 -5.62 -4.65 -4.01
C SER A 274 -4.71 -4.84 -5.23
N ILE A 275 -3.78 -3.92 -5.44
CA ILE A 275 -2.81 -4.05 -6.52
C ILE A 275 -1.88 -5.26 -6.34
N THR A 276 -1.38 -5.44 -5.12
CA THR A 276 -0.56 -6.60 -4.80
C THR A 276 -1.30 -7.95 -4.96
N SER A 277 -2.57 -8.01 -4.55
CA SER A 277 -3.38 -9.22 -4.72
C SER A 277 -3.64 -9.53 -6.17
N SER A 278 -3.90 -8.49 -6.96
CA SER A 278 -3.94 -8.62 -8.42
C SER A 278 -2.70 -9.19 -9.02
N TRP A 279 -1.56 -8.55 -8.82
CA TRP A 279 -0.33 -9.05 -9.45
C TRP A 279 -0.02 -10.43 -8.95
N THR A 280 -0.27 -10.68 -7.66
CA THR A 280 0.01 -12.01 -7.09
C THR A 280 -0.88 -13.10 -7.74
N LEU A 281 -2.20 -12.94 -7.71
CA LEU A 281 -3.08 -13.93 -8.30
C LEU A 281 -2.77 -14.15 -9.76
N MET A 282 -2.56 -13.08 -10.52
CA MET A 282 -2.32 -13.23 -11.95
C MET A 282 -1.08 -14.08 -12.19
N ASN A 283 -0.03 -13.85 -11.41
CA ASN A 283 1.20 -14.57 -11.66
C ASN A 283 1.12 -16.01 -11.20
N VAL A 284 0.37 -16.22 -10.13
CA VAL A 284 0.18 -17.56 -9.61
C VAL A 284 -0.63 -18.40 -10.60
N ILE A 285 -1.78 -17.91 -11.06
CA ILE A 285 -2.61 -18.73 -11.96
C ILE A 285 -2.08 -18.92 -13.38
N SER A 286 -1.07 -18.14 -13.74
CA SER A 286 -0.44 -18.17 -15.06
C SER A 286 0.81 -19.05 -15.07
N ASN A 287 1.19 -19.59 -13.92
CA ASN A 287 2.37 -20.42 -13.86
C ASN A 287 1.98 -21.75 -13.23
N LYS A 288 1.98 -22.81 -14.03
CA LYS A 288 1.49 -24.11 -13.59
C LYS A 288 2.24 -24.63 -12.39
N LYS A 289 3.57 -24.54 -12.40
CA LYS A 289 4.39 -25.05 -11.30
C LYS A 289 4.08 -24.30 -9.99
N VAL A 290 3.97 -22.98 -10.09
CA VAL A 290 3.67 -22.14 -8.96
C VAL A 290 2.28 -22.44 -8.45
N LEU A 291 1.28 -22.54 -9.33
CA LEU A 291 -0.10 -22.84 -8.86
C LEU A 291 -0.22 -24.21 -8.18
N GLU A 292 0.54 -25.18 -8.66
CA GLU A 292 0.56 -26.52 -8.08
C GLU A 292 1.07 -26.46 -6.66
N LYS A 293 2.17 -25.77 -6.45
CA LYS A 293 2.72 -25.67 -5.11
C LYS A 293 1.78 -24.91 -4.20
N VAL A 294 1.12 -23.88 -4.73
CA VAL A 294 0.25 -23.06 -3.91
C VAL A 294 -0.90 -23.95 -3.48
N ARG A 295 -1.42 -24.75 -4.39
CA ARG A 295 -2.59 -25.58 -4.05
C ARG A 295 -2.24 -26.73 -3.15
N LYS A 296 -1.02 -27.27 -3.30
CA LYS A 296 -0.55 -28.36 -2.44
C LYS A 296 -0.50 -27.84 -1.03
N GLU A 297 0.16 -26.69 -0.86
CA GLU A 297 0.20 -26.03 0.43
C GLU A 297 -1.22 -25.80 0.97
N GLN A 298 -2.13 -25.24 0.16
CA GLN A 298 -3.49 -25.01 0.64
C GLN A 298 -4.18 -26.30 1.09
N GLU A 299 -4.02 -27.39 0.35
CA GLU A 299 -4.74 -28.63 0.67
C GLU A 299 -4.21 -29.22 1.99
N GLU A 300 -2.90 -29.15 2.18
CA GLU A 300 -2.30 -29.61 3.45
C GLU A 300 -2.75 -28.76 4.65
N ILE A 301 -2.76 -27.44 4.51
CA ILE A 301 -3.12 -26.54 5.61
C ILE A 301 -4.59 -26.64 5.93
N MET A 302 -5.43 -26.75 4.91
CA MET A 302 -6.89 -26.80 5.15
C MET A 302 -7.32 -28.09 5.79
N GLY A 303 -6.62 -29.16 5.50
CA GLY A 303 -7.06 -30.47 5.96
C GLY A 303 -8.58 -30.56 5.79
N SER A 304 -9.21 -31.22 6.73
CA SER A 304 -10.65 -31.43 6.65
C SER A 304 -11.42 -30.16 6.88
N ASP A 305 -10.71 -29.08 7.11
CA ASP A 305 -11.34 -27.85 7.57
C ASP A 305 -11.91 -27.09 6.42
N LYS A 306 -13.07 -26.50 6.60
CA LYS A 306 -13.79 -25.91 5.47
C LYS A 306 -13.66 -24.40 5.35
N VAL A 307 -13.19 -23.70 6.37
CA VAL A 307 -12.93 -22.27 6.21
C VAL A 307 -11.61 -21.85 6.80
N LEU A 308 -11.21 -20.63 6.50
CA LEU A 308 -9.90 -20.14 6.91
C LEU A 308 -9.95 -19.68 8.37
N ASP A 309 -8.78 -19.67 9.02
CA ASP A 309 -8.59 -18.99 10.31
C ASP A 309 -7.19 -18.42 10.34
N TYR A 310 -6.88 -17.57 11.31
CA TYR A 310 -5.59 -16.93 11.38
C TYR A 310 -4.40 -17.89 11.41
N ASP A 311 -4.52 -19.00 12.14
CA ASP A 311 -3.41 -19.91 12.29
C ASP A 311 -3.10 -20.54 10.94
N LYS A 312 -4.15 -20.87 10.18
CA LYS A 312 -3.94 -21.43 8.84
C LYS A 312 -3.17 -20.46 7.98
N VAL A 313 -3.57 -19.17 7.98
CA VAL A 313 -2.95 -18.17 7.12
C VAL A 313 -1.48 -18.02 7.46
N MET A 314 -1.18 -18.07 8.76
CA MET A 314 0.18 -17.98 9.24
C MET A 314 1.10 -19.08 8.71
N LYS A 315 0.51 -20.20 8.27
CA LYS A 315 1.28 -21.31 7.77
C LYS A 315 1.55 -21.27 6.26
N MET A 316 1.00 -20.27 5.56
CA MET A 316 0.99 -20.21 4.09
C MET A 316 2.25 -19.59 3.55
N ASP A 317 3.37 -20.27 3.81
CA ASP A 317 4.68 -19.69 3.56
C ASP A 317 4.94 -19.48 2.07
N TYR A 318 4.54 -20.48 1.28
CA TYR A 318 4.76 -20.44 -0.16
C TYR A 318 3.93 -19.32 -0.77
N LEU A 319 2.63 -19.26 -0.43
CA LEU A 319 1.78 -18.21 -0.96
C LEU A 319 2.34 -16.86 -0.54
N GLU A 320 2.85 -16.74 0.67
CA GLU A 320 3.42 -15.49 1.12
C GLU A 320 4.64 -15.17 0.26
N ALA A 321 5.46 -16.16 -0.10
CA ALA A 321 6.60 -15.90 -0.98
C ALA A 321 6.17 -15.37 -2.37
N CYS A 322 5.05 -15.88 -2.85
CA CYS A 322 4.44 -15.43 -4.08
C CYS A 322 4.08 -13.95 -4.00
N MET A 323 3.47 -13.57 -2.90
CA MET A 323 3.20 -12.15 -2.66
C MET A 323 4.48 -11.28 -2.57
N LYS A 324 5.48 -11.76 -1.87
CA LYS A 324 6.72 -11.03 -1.84
C LYS A 324 7.38 -10.93 -3.19
N GLU A 325 7.23 -11.96 -4.01
CA GLU A 325 7.80 -11.95 -5.35
C GLU A 325 7.08 -10.94 -6.21
N ALA A 326 5.76 -10.83 -6.08
CA ALA A 326 5.01 -9.78 -6.76
C ALA A 326 5.46 -8.40 -6.30
N LEU A 327 5.73 -8.26 -5.01
CA LEU A 327 6.18 -7.00 -4.46
C LEU A 327 7.57 -6.65 -4.93
N ARG A 328 8.40 -7.64 -5.24
CA ARG A 328 9.73 -7.37 -5.80
C ARG A 328 9.61 -6.79 -7.20
N MET A 329 8.74 -7.43 -7.97
CA MET A 329 8.52 -7.09 -9.36
C MET A 329 7.66 -5.88 -9.61
N TYR A 330 6.61 -5.71 -8.80
CA TYR A 330 5.60 -4.67 -9.02
C TYR A 330 5.23 -3.94 -7.73
N PRO A 331 6.22 -3.41 -7.03
CA PRO A 331 5.90 -2.70 -5.78
C PRO A 331 5.01 -1.52 -6.07
N PRO A 332 3.90 -1.37 -5.35
CA PRO A 332 2.92 -0.37 -5.74
C PRO A 332 3.31 1.08 -5.42
N LEU A 333 4.17 1.28 -4.45
CA LEU A 333 4.75 2.60 -4.23
C LEU A 333 6.13 2.48 -4.81
N ILE A 334 6.32 3.10 -5.97
CA ILE A 334 7.55 2.97 -6.73
C ILE A 334 8.62 3.96 -6.29
N MET A 335 8.22 4.98 -5.52
CA MET A 335 9.15 5.98 -4.99
C MET A 335 8.93 6.26 -3.51
N ILE A 336 10.02 6.21 -2.76
CA ILE A 336 10.07 6.57 -1.36
C ILE A 336 10.89 7.84 -1.28
N MET A 337 10.34 8.91 -0.70
CA MET A 337 11.02 10.22 -0.71
C MET A 337 11.15 10.97 0.59
N ARG A 338 12.21 11.77 0.69
CA ARG A 338 12.38 12.75 1.75
C ARG A 338 12.96 14.05 1.24
N MET A 339 12.60 15.17 1.87
CA MET A 339 13.38 16.41 1.64
C MET A 339 14.55 16.58 2.60
N ALA A 340 15.71 16.91 2.05
CA ALA A 340 16.88 17.19 2.89
C ALA A 340 16.73 18.56 3.50
N ARG A 341 16.68 18.63 4.83
CA ARG A 341 16.55 19.90 5.55
C ARG A 341 17.92 20.42 5.95
N LYS A 342 18.89 19.51 5.98
CA LYS A 342 20.30 19.88 6.11
C LYS A 342 21.03 19.22 4.95
N PRO A 343 22.20 19.73 4.56
CA PRO A 343 23.00 19.00 3.58
C PRO A 343 23.33 17.60 4.08
N ARG A 344 23.43 16.64 3.16
CA ARG A 344 23.58 15.23 3.49
C ARG A 344 24.76 14.64 2.74
N GLU A 345 25.74 14.10 3.48
CA GLU A 345 26.79 13.34 2.82
C GLU A 345 26.18 12.08 2.22
N CYS A 346 26.98 11.37 1.44
CA CYS A 346 26.57 10.11 0.85
C CYS A 346 27.61 9.85 -0.19
N GLU A 347 28.49 8.89 0.08
CA GLU A 347 29.63 8.66 -0.78
C GLU A 347 30.33 9.99 -1.01
N GLN A 348 31.20 10.05 -2.00
CA GLN A 348 31.94 11.26 -2.32
C GLN A 348 31.09 12.53 -2.29
N TYR A 349 29.76 12.37 -2.25
CA TYR A 349 28.88 13.51 -2.53
C TYR A 349 28.26 14.16 -1.31
N ILE A 350 28.04 15.47 -1.42
CA ILE A 350 27.16 16.18 -0.51
C ILE A 350 25.89 16.51 -1.29
N ILE A 351 24.75 16.18 -0.72
CA ILE A 351 23.50 16.43 -1.36
C ILE A 351 22.96 17.69 -0.72
N PRO A 352 22.69 18.71 -1.54
CA PRO A 352 22.28 20.02 -1.03
C PRO A 352 20.96 20.02 -0.28
N LYS A 353 20.87 20.94 0.69
CA LYS A 353 19.61 21.24 1.37
C LYS A 353 18.53 21.61 0.35
N GLY A 354 17.30 21.17 0.59
CA GLY A 354 16.23 21.40 -0.36
C GLY A 354 16.06 20.31 -1.40
N ASN A 355 17.09 19.51 -1.67
CA ASN A 355 16.92 18.39 -2.62
C ASN A 355 16.00 17.34 -2.06
N ILE A 356 15.30 16.63 -2.93
CA ILE A 356 14.45 15.51 -2.54
C ILE A 356 15.19 14.21 -2.81
N LEU A 357 15.45 13.42 -1.78
CA LEU A 357 16.13 12.14 -1.97
C LEU A 357 15.11 11.06 -2.35
N VAL A 358 15.47 10.22 -3.31
CA VAL A 358 14.55 9.21 -3.81
C VAL A 358 15.15 7.79 -3.76
N VAL A 359 14.37 6.89 -3.21
CA VAL A 359 14.66 5.46 -3.21
C VAL A 359 13.50 4.74 -3.93
N SER A 360 13.81 3.83 -4.85
CA SER A 360 12.75 3.12 -5.60
C SER A 360 12.73 1.62 -5.32
N PRO A 361 11.68 1.14 -4.65
CA PRO A 361 11.40 -0.29 -4.53
C PRO A 361 11.37 -1.04 -5.87
N SER A 362 10.94 -0.36 -6.93
CA SER A 362 10.85 -0.96 -8.24
C SER A 362 12.22 -1.19 -8.78
N VAL A 363 13.09 -0.19 -8.63
CA VAL A 363 14.47 -0.29 -9.14
C VAL A 363 15.20 -1.37 -8.40
N ALA A 364 15.06 -1.34 -7.08
CA ALA A 364 15.68 -2.33 -6.21
C ALA A 364 15.36 -3.76 -6.64
N GLY A 365 14.09 -4.00 -7.02
CA GLY A 365 13.60 -5.32 -7.33
C GLY A 365 14.10 -5.87 -8.63
N ARG A 366 14.72 -5.03 -9.43
CA ARG A 366 15.26 -5.48 -10.69
C ARG A 366 16.76 -5.42 -10.65
N CYS A 367 17.33 -4.84 -9.59
CA CYS A 367 18.77 -4.76 -9.45
C CYS A 367 19.35 -6.15 -9.69
N THR A 368 20.48 -6.26 -10.35
CA THR A 368 20.98 -7.59 -10.73
C THR A 368 22.08 -8.07 -9.80
N ASP A 369 22.64 -7.14 -9.05
CA ASP A 369 23.54 -7.53 -7.97
C ASP A 369 22.78 -8.37 -6.96
N THR A 370 21.46 -8.31 -7.03
CA THR A 370 20.59 -8.95 -6.08
C THR A 370 19.81 -10.08 -6.70
N TYR A 371 19.26 -9.89 -7.88
CA TYR A 371 18.34 -10.91 -8.35
C TYR A 371 18.69 -11.40 -9.71
N THR A 372 18.70 -12.72 -9.85
CA THR A 372 19.05 -13.36 -11.12
C THR A 372 17.79 -13.52 -11.91
N ASN A 373 17.88 -13.24 -13.20
CA ASN A 373 16.71 -13.16 -14.07
C ASN A 373 15.54 -12.38 -13.47
N PRO A 374 15.75 -11.10 -13.12
CA PRO A 374 14.77 -10.34 -12.32
C PRO A 374 13.42 -10.09 -13.01
N ASP A 375 13.36 -10.30 -14.32
CA ASP A 375 12.12 -10.18 -15.04
C ASP A 375 11.25 -11.43 -14.91
N VAL A 376 11.75 -12.48 -14.27
CA VAL A 376 10.95 -13.69 -14.09
C VAL A 376 10.37 -13.78 -12.70
N PHE A 377 9.08 -14.05 -12.62
CA PHE A 377 8.40 -14.28 -11.38
C PHE A 377 8.75 -15.67 -10.92
N ASP A 378 9.50 -15.78 -9.84
CA ASP A 378 10.09 -17.06 -9.38
C ASP A 378 10.13 -17.01 -7.85
N PRO A 379 9.06 -17.45 -7.19
CA PRO A 379 9.08 -17.34 -5.74
C PRO A 379 10.26 -18.06 -5.06
N GLU A 380 10.82 -19.06 -5.73
CA GLU A 380 11.91 -19.89 -5.17
C GLU A 380 13.22 -19.13 -5.05
N ARG A 381 13.32 -17.98 -5.69
CA ARG A 381 14.51 -17.18 -5.50
C ARG A 381 14.53 -16.66 -4.07
N LEU A 382 13.36 -16.61 -3.47
CA LEU A 382 13.24 -16.16 -2.09
C LEU A 382 13.33 -17.35 -1.15
N THR A 383 12.51 -18.36 -1.38
CA THR A 383 12.42 -19.45 -0.43
C THR A 383 13.67 -20.29 -0.43
N GLU A 384 14.28 -20.48 -1.59
CA GLU A 384 15.45 -21.34 -1.65
C GLU A 384 16.76 -20.57 -1.79
N ARG A 385 16.82 -19.67 -2.75
CA ARG A 385 18.06 -18.94 -3.03
C ARG A 385 18.25 -17.73 -2.10
N LYS A 386 17.19 -17.34 -1.41
CA LYS A 386 17.23 -16.25 -0.43
C LYS A 386 17.87 -14.97 -0.96
N GLU A 387 17.67 -14.69 -2.24
CA GLU A 387 18.41 -13.63 -2.90
C GLU A 387 18.23 -12.28 -2.20
N HIS A 388 17.08 -12.07 -1.56
CA HIS A 388 16.82 -10.76 -0.94
C HIS A 388 17.79 -10.48 0.20
N GLU A 389 18.24 -11.53 0.85
CA GLU A 389 19.12 -11.36 1.99
C GLU A 389 20.57 -10.97 1.64
N LYS A 390 20.89 -10.86 0.36
CA LYS A 390 22.23 -10.45 -0.06
C LYS A 390 22.61 -9.03 0.45
N PHE A 391 21.64 -8.13 0.59
CA PHE A 391 21.89 -6.81 1.18
C PHE A 391 20.82 -6.48 2.20
N LYS A 392 21.18 -5.69 3.21
CA LYS A 392 20.24 -5.26 4.24
C LYS A 392 19.00 -4.58 3.63
N TYR A 393 19.19 -3.81 2.58
CA TYR A 393 18.09 -3.14 1.91
C TYR A 393 17.85 -3.69 0.50
N GLY A 394 18.11 -4.98 0.28
CA GLY A 394 17.85 -5.62 -1.00
C GLY A 394 16.40 -5.57 -1.45
N ALA A 395 15.47 -5.62 -0.49
CA ALA A 395 14.03 -5.64 -0.83
C ALA A 395 13.34 -4.69 0.10
N VAL A 396 12.73 -3.65 -0.44
CA VAL A 396 12.14 -2.62 0.43
C VAL A 396 10.72 -2.20 0.03
N PRO A 397 9.87 -3.17 -0.37
CA PRO A 397 8.50 -2.87 -0.79
C PRO A 397 7.71 -2.19 0.29
N PHE A 398 8.08 -2.44 1.54
CA PHE A 398 7.39 -1.85 2.69
C PHE A 398 8.25 -0.78 3.35
N GLY A 399 9.38 -0.43 2.75
CA GLY A 399 10.18 0.60 3.32
C GLY A 399 11.09 -0.07 4.30
N ALA A 400 11.63 0.74 5.20
CA ALA A 400 12.61 0.28 6.17
C ALA A 400 12.88 1.37 7.19
N GLY A 401 13.42 0.95 8.33
CA GLY A 401 13.83 1.90 9.34
C GLY A 401 12.65 2.60 10.01
N ARG A 402 12.84 3.84 10.40
CA ARG A 402 11.92 4.48 11.30
C ARG A 402 10.50 4.58 10.75
N HIS A 403 10.36 4.68 9.43
CA HIS A 403 9.04 4.85 8.83
C HIS A 403 8.52 3.63 8.08
N LYS A 404 9.13 2.47 8.32
CA LYS A 404 8.69 1.22 7.73
C LYS A 404 7.17 1.01 7.86
N CYS A 405 6.58 0.38 6.87
CA CYS A 405 5.12 0.28 6.80
C CYS A 405 4.58 -0.45 8.02
N ILE A 406 3.66 0.20 8.73
CA ILE A 406 3.05 -0.42 9.89
C ILE A 406 1.91 -1.37 9.49
N GLY A 407 1.55 -1.39 8.22
CA GLY A 407 0.47 -2.22 7.79
C GLY A 407 0.87 -3.52 7.18
N GLU A 408 2.16 -3.82 7.19
CA GLU A 408 2.66 -5.02 6.56
C GLU A 408 1.86 -6.23 6.89
N ASN A 409 2.13 -6.82 8.05
CA ASN A 409 1.47 -8.04 8.46
C ASN A 409 -0.02 -8.04 8.20
N PHE A 410 -0.63 -6.89 8.08
CA PHE A 410 -2.03 -6.85 7.76
C PHE A 410 -2.19 -7.04 6.29
N ALA A 411 -1.25 -6.50 5.54
CA ALA A 411 -1.31 -6.62 4.13
C ALA A 411 -1.20 -8.09 3.83
N LEU A 412 -0.10 -8.66 4.30
CA LEU A 412 0.14 -10.06 4.11
C LEU A 412 -1.09 -10.87 4.48
N LEU A 413 -1.79 -10.46 5.51
CA LEU A 413 -2.94 -11.24 5.92
C LEU A 413 -4.11 -11.10 4.95
N GLN A 414 -4.41 -9.89 4.56
CA GLN A 414 -5.53 -9.62 3.69
C GLN A 414 -5.33 -10.25 2.31
N VAL A 415 -4.12 -10.13 1.78
CA VAL A 415 -3.86 -10.64 0.44
C VAL A 415 -3.80 -12.16 0.45
N LYS A 416 -3.09 -12.74 1.40
CA LYS A 416 -3.03 -14.19 1.50
C LYS A 416 -4.40 -14.78 1.71
N SER A 417 -5.20 -14.18 2.57
CA SER A 417 -6.55 -14.70 2.81
C SER A 417 -7.44 -14.66 1.58
N ILE A 418 -7.42 -13.56 0.89
CA ILE A 418 -8.29 -13.35 -0.25
C ILE A 418 -7.92 -14.37 -1.33
N ILE A 419 -6.62 -14.53 -1.59
CA ILE A 419 -6.16 -15.42 -2.63
C ILE A 419 -6.45 -16.87 -2.26
N SER A 420 -6.20 -17.23 -1.01
CA SER A 420 -6.53 -18.54 -0.52
C SER A 420 -8.02 -18.84 -0.62
N ILE A 421 -8.90 -17.93 -0.22
CA ILE A 421 -10.32 -18.23 -0.28
C ILE A 421 -10.79 -18.37 -1.73
N LEU A 422 -10.28 -17.49 -2.61
CA LEU A 422 -10.69 -17.51 -4.01
C LEU A 422 -10.26 -18.80 -4.65
N LEU A 423 -9.04 -19.26 -4.37
CA LEU A 423 -8.60 -20.55 -4.87
C LEU A 423 -9.50 -21.69 -4.38
N ARG A 424 -9.90 -21.63 -3.12
CA ARG A 424 -10.77 -22.66 -2.59
C ARG A 424 -12.07 -22.70 -3.40
N TYR A 425 -12.55 -21.52 -3.79
CA TYR A 425 -13.81 -21.43 -4.52
C TYR A 425 -13.70 -21.80 -6.00
N PHE A 426 -12.63 -21.33 -6.63
CA PHE A 426 -12.51 -21.27 -8.08
C PHE A 426 -11.24 -21.85 -8.67
N ASP A 427 -11.40 -22.59 -9.77
CA ASP A 427 -10.34 -22.71 -10.75
C ASP A 427 -10.36 -21.45 -11.59
N MET A 428 -9.15 -20.94 -11.88
CA MET A 428 -8.97 -19.63 -12.51
C MET A 428 -7.83 -19.65 -13.51
N GLU A 429 -8.05 -19.09 -14.71
CA GLU A 429 -6.97 -18.86 -15.65
C GLU A 429 -7.02 -17.45 -16.20
N TYR A 430 -5.84 -16.89 -16.38
CA TYR A 430 -5.69 -15.52 -16.83
C TYR A 430 -5.76 -15.52 -18.36
N ILE A 431 -6.30 -14.43 -18.91
CA ILE A 431 -6.47 -14.24 -20.34
C ILE A 431 -5.36 -13.33 -20.88
N GLY A 432 -4.46 -13.89 -21.67
CA GLY A 432 -3.40 -13.10 -22.31
C GLY A 432 -2.07 -13.05 -21.56
N LYS A 433 -1.19 -12.17 -22.02
CA LYS A 433 0.05 -11.82 -21.32
C LYS A 433 -0.23 -11.08 -20.02
N ILE A 434 0.60 -11.33 -19.03
CA ILE A 434 0.62 -10.49 -17.82
C ILE A 434 0.97 -9.08 -18.26
N PRO A 435 0.14 -8.09 -17.91
CA PRO A 435 0.48 -6.74 -18.36
C PRO A 435 1.73 -6.09 -17.75
N ASP A 436 2.08 -4.95 -18.33
CA ASP A 436 3.04 -4.04 -17.76
C ASP A 436 2.33 -3.13 -16.74
N PRO A 437 3.11 -2.55 -15.83
CA PRO A 437 2.53 -1.56 -14.93
C PRO A 437 2.21 -0.28 -15.68
N SER A 438 1.15 0.39 -15.26
CA SER A 438 0.77 1.71 -15.74
C SER A 438 1.17 2.80 -14.75
N TYR A 439 1.99 3.74 -15.21
CA TYR A 439 2.50 4.82 -14.36
C TYR A 439 1.65 6.08 -14.29
N THR A 440 0.34 5.90 -14.53
CA THR A 440 -0.61 6.99 -14.63
C THR A 440 -1.21 7.35 -13.30
N SER A 441 -1.01 6.51 -12.30
CA SER A 441 -1.65 6.72 -11.00
C SER A 441 -0.62 6.84 -9.88
N LEU A 442 -1.07 7.39 -8.76
CA LEU A 442 -0.21 7.58 -7.60
C LEU A 442 0.33 6.23 -7.09
N VAL A 443 -0.59 5.32 -6.83
CA VAL A 443 -0.25 3.95 -6.52
C VAL A 443 -0.27 3.11 -7.81
N VAL A 444 0.85 2.53 -8.18
CA VAL A 444 1.02 1.91 -9.48
C VAL A 444 0.50 0.47 -9.50
N GLY A 445 -0.32 0.16 -10.50
CA GLY A 445 -0.92 -1.16 -10.64
C GLY A 445 -0.85 -1.63 -12.07
N PRO A 446 -1.46 -2.79 -12.37
CA PRO A 446 -1.32 -3.29 -13.73
C PRO A 446 -2.12 -2.49 -14.75
N SER A 447 -1.61 -2.38 -15.98
CA SER A 447 -2.39 -1.81 -17.09
C SER A 447 -3.66 -2.58 -17.37
N PRO A 448 -4.80 -1.89 -17.40
CA PRO A 448 -6.02 -2.59 -17.76
C PRO A 448 -6.06 -2.95 -19.25
N PRO A 449 -6.86 -3.95 -19.62
CA PRO A 449 -7.69 -4.72 -18.72
C PRO A 449 -6.96 -5.97 -18.19
N THR A 450 -7.51 -6.55 -17.13
CA THR A 450 -6.94 -7.71 -16.51
C THR A 450 -8.09 -8.63 -16.31
N ARG A 451 -8.25 -9.62 -17.17
CA ARG A 451 -9.44 -10.44 -17.11
C ARG A 451 -9.03 -11.85 -16.81
N MET A 452 -9.91 -12.61 -16.20
CA MET A 452 -9.63 -14.00 -15.96
C MET A 452 -10.90 -14.81 -16.05
N ARG A 453 -10.74 -16.10 -16.33
CA ARG A 453 -11.86 -17.00 -16.43
C ARG A 453 -11.93 -17.69 -15.12
N TYR A 454 -13.13 -17.87 -14.60
CA TYR A 454 -13.24 -18.62 -13.36
C TYR A 454 -14.33 -19.68 -13.44
N LYS A 455 -14.17 -20.74 -12.65
CA LYS A 455 -15.19 -21.74 -12.56
C LYS A 455 -15.22 -22.26 -11.12
N LEU A 456 -16.42 -22.44 -10.58
CA LEU A 456 -16.61 -22.97 -9.23
C LEU A 456 -16.10 -24.41 -9.16
N ARG A 457 -15.47 -24.76 -8.04
CA ARG A 457 -14.91 -26.10 -7.86
C ARG A 457 -15.82 -27.15 -7.21
N LYS A 458 -17.01 -26.79 -6.73
CA LYS A 458 -17.91 -27.79 -6.10
C LYS A 458 -19.24 -28.00 -6.83
#